data_4OYP
#
_entry.id   4OYP
#
_cell.length_a   99.342
_cell.length_b   99.342
_cell.length_c   97.625
_cell.angle_alpha   90.00
_cell.angle_beta   90.00
_cell.angle_gamma   120.00
#
_symmetry.space_group_name_H-M   'P 63'
#
loop_
_entity.id
_entity.type
_entity.pdbx_description
1 polymer 'Adenylate cyclase type 10'
2 non-polymer 'CHLORIDE ION'
3 non-polymer '1-benzofuran-2-carboxylic acid'
4 water water
#
_entity_poly.entity_id   1
_entity_poly.type   'polypeptide(L)'
_entity_poly.pdbx_seq_one_letter_code
;(ACE)MNTPKEEFQDWPIVRIAAHLPDLIVYGHFSPERPFMDYFDGVLMFVDISGFTAMTEKFSSAMYMDRGAEQLVEIL
NYHISAIVEKVLIFGGDILKFAGDALLALWRVERKQLKNIITVVIKCSLEIHGLFETQEWEEGLDIRVKIGLAAGHISML
VFGDETHSHFLVIGQAVDDVRLAQNMAQMNDVILSPNCWQLCDRSMIEIESVPDQRAVKVNFLKPPPNFNFDEFFTKCTT
FMHYYPSGEHKNLLRLA(CME)TLKPDPELEMSLQKYVMESILKQIDNKQLQGYLSELRPVTIVFVNLMFEDQDKAEEIG
PAIQDAYMHITSVLKIFQGQINKVFMFDKGCSFLCVFGFPGEKVPDELTHALECAMDIFDFCSQVHKIQTVSIGVASGIV
FCGIVGHTVRHEYTVIGQKVNLAARMMMYYPGIVTCDSVTYNGSNLPAYFFKELPKKVMKGVADSGPLYQYWGRTEKV
;
_entity_poly.pdbx_strand_id   A
#
# COMPACT_ATOMS: atom_id res chain seq x y z
N MET A 2 3.48 42.10 28.27
CA MET A 2 3.21 40.71 28.66
C MET A 2 3.66 39.90 27.45
N ASN A 3 4.52 38.90 27.66
CA ASN A 3 5.12 38.21 26.51
C ASN A 3 4.13 37.31 25.76
N THR A 4 4.41 37.09 24.46
CA THR A 4 3.66 36.20 23.57
C THR A 4 4.63 35.25 22.87
N PRO A 5 5.11 34.17 23.55
CA PRO A 5 5.97 33.17 22.88
C PRO A 5 5.32 32.50 21.67
N LYS A 6 6.15 32.21 20.64
CA LYS A 6 5.73 31.63 19.36
C LYS A 6 5.67 30.09 19.38
N GLU A 7 5.49 29.49 18.17
CA GLU A 7 5.52 28.07 17.79
C GLU A 7 4.82 27.12 18.78
N GLU A 8 3.56 26.75 18.46
CA GLU A 8 2.81 25.72 19.20
C GLU A 8 3.60 24.40 19.19
N PHE A 9 3.59 23.69 20.34
CA PHE A 9 4.10 22.33 20.43
C PHE A 9 3.22 21.44 19.56
N GLN A 10 3.85 20.57 18.75
CA GLN A 10 3.16 19.68 17.82
C GLN A 10 3.82 18.28 17.74
N ASP A 11 4.67 17.90 18.72
CA ASP A 11 5.34 16.60 18.65
C ASP A 11 4.75 15.60 19.65
N TRP A 12 3.44 15.71 19.90
CA TRP A 12 2.70 14.75 20.71
C TRP A 12 2.71 13.34 20.11
N PRO A 13 2.74 12.28 20.95
CA PRO A 13 2.51 10.91 20.43
C PRO A 13 1.33 10.72 19.48
N ILE A 14 0.20 11.38 19.76
CA ILE A 14 -0.98 11.27 18.89
C ILE A 14 -0.65 11.79 17.47
N VAL A 15 0.15 12.88 17.36
CA VAL A 15 0.60 13.47 16.06
C VAL A 15 1.54 12.47 15.33
N ARG A 16 2.49 11.92 16.05
CA ARG A 16 3.41 10.86 15.55
C ARG A 16 2.65 9.65 15.05
N ILE A 17 1.58 9.21 15.77
CA ILE A 17 0.73 8.10 15.29
C ILE A 17 -0.03 8.50 14.01
N ALA A 18 -0.61 9.74 13.97
CA ALA A 18 -1.36 10.28 12.82
C ALA A 18 -0.53 10.32 11.55
N ALA A 19 0.81 10.46 11.64
CA ALA A 19 1.67 10.34 10.43
C ALA A 19 1.50 9.00 9.67
N HIS A 20 1.20 7.91 10.38
CA HIS A 20 1.16 6.54 9.82
C HIS A 20 -0.20 6.24 9.21
N LEU A 21 -1.12 7.27 9.25
CA LEU A 21 -2.51 7.12 8.85
C LEU A 21 -3.00 8.16 7.88
N PRO A 22 -3.95 7.81 6.95
CA PRO A 22 -4.58 8.86 6.15
C PRO A 22 -5.62 9.63 6.98
N ASP A 23 -6.05 10.80 6.47
CA ASP A 23 -7.20 11.59 6.98
C ASP A 23 -8.51 10.83 6.98
N LEU A 24 -8.68 9.90 5.99
CA LEU A 24 -9.78 8.95 5.94
C LEU A 24 -9.92 8.21 7.30
N ILE A 25 -8.77 7.91 7.95
CA ILE A 25 -8.82 7.29 9.26
C ILE A 25 -8.78 8.31 10.38
N VAL A 26 -7.82 9.26 10.31
CA VAL A 26 -7.58 10.24 11.39
C VAL A 26 -8.84 11.00 11.78
N TYR A 27 -9.60 11.44 10.76
CA TYR A 27 -10.82 12.24 10.95
C TYR A 27 -12.11 11.45 10.62
N GLY A 28 -12.01 10.11 10.61
CA GLY A 28 -13.10 9.20 10.26
C GLY A 28 -14.29 9.13 11.20
N HIS A 29 -14.07 9.26 12.53
CA HIS A 29 -15.15 9.19 13.54
C HIS A 29 -16.24 8.05 13.31
N PHE A 30 -15.81 6.77 13.24
CA PHE A 30 -16.81 5.72 12.97
C PHE A 30 -17.11 4.76 14.16
N SER A 31 -18.22 3.99 14.01
CA SER A 31 -18.83 3.10 15.01
C SER A 31 -17.94 1.91 15.38
N PRO A 32 -18.19 1.22 16.55
CA PRO A 32 -17.27 0.17 17.02
C PRO A 32 -17.25 -1.08 16.16
N GLU A 33 -18.43 -1.50 15.66
CA GLU A 33 -18.63 -2.72 14.89
C GLU A 33 -17.52 -3.02 13.89
N ARG A 34 -17.11 -4.29 13.87
CA ARG A 34 -16.24 -4.80 12.86
C ARG A 34 -16.97 -5.91 12.12
N PRO A 35 -17.11 -5.86 10.77
CA PRO A 35 -16.58 -4.84 9.85
C PRO A 35 -17.34 -3.51 9.89
N PHE A 36 -16.64 -2.40 9.61
CA PHE A 36 -17.29 -1.12 9.36
C PHE A 36 -17.13 -0.82 7.85
N MET A 37 -18.19 -0.30 7.23
CA MET A 37 -18.20 0.11 5.82
C MET A 37 -18.73 1.50 5.57
N ASP A 38 -18.08 2.22 4.68
CA ASP A 38 -18.48 3.53 4.24
C ASP A 38 -18.43 3.56 2.71
N TYR A 39 -19.25 4.42 2.10
CA TYR A 39 -19.41 4.56 0.66
C TYR A 39 -19.30 6.05 0.30
N PHE A 40 -18.51 6.36 -0.73
CA PHE A 40 -18.30 7.75 -1.16
C PHE A 40 -17.79 7.82 -2.60
N ASP A 41 -17.54 9.03 -3.11
CA ASP A 41 -16.96 9.20 -4.44
C ASP A 41 -15.62 9.87 -4.28
N GLY A 42 -14.78 9.72 -5.28
CA GLY A 42 -13.47 10.36 -5.25
C GLY A 42 -12.66 10.08 -6.48
N VAL A 43 -11.45 10.67 -6.51
CA VAL A 43 -10.44 10.41 -7.51
C VAL A 43 -9.30 9.68 -6.81
N LEU A 44 -8.83 8.59 -7.42
CA LEU A 44 -7.72 7.78 -6.94
C LEU A 44 -6.48 8.02 -7.81
N MET A 45 -5.31 8.18 -7.17
CA MET A 45 -4.01 8.22 -7.87
C MET A 45 -3.11 7.07 -7.42
N PHE A 46 -2.62 6.27 -8.37
CA PHE A 46 -1.76 5.13 -8.06
C PHE A 46 -0.42 5.39 -8.68
N VAL A 47 0.56 5.77 -7.84
CA VAL A 47 1.91 6.12 -8.28
C VAL A 47 2.75 4.90 -8.08
N ASP A 48 3.35 4.41 -9.16
CA ASP A 48 4.27 3.28 -9.07
C ASP A 48 5.69 3.79 -9.17
N ILE A 49 6.51 3.43 -8.18
CA ILE A 49 7.96 3.61 -8.22
C ILE A 49 8.58 2.19 -8.07
N SER A 50 8.45 1.36 -9.10
CA SER A 50 9.12 0.07 -9.17
C SER A 50 10.34 0.14 -10.09
N GLY A 51 11.22 1.06 -9.74
CA GLY A 51 12.63 1.00 -10.09
C GLY A 51 13.43 0.57 -8.88
N PHE A 52 12.85 0.76 -7.67
CA PHE A 52 13.53 0.48 -6.40
C PHE A 52 13.48 -1.00 -5.97
N THR A 53 12.56 -1.81 -6.55
CA THR A 53 12.69 -3.27 -6.42
C THR A 53 13.59 -3.75 -7.58
N ALA A 54 14.89 -3.52 -7.38
CA ALA A 54 16.08 -3.73 -8.19
C ALA A 54 17.19 -3.07 -7.37
N MET A 55 16.92 -1.81 -6.90
CA MET A 55 17.74 -1.06 -5.96
C MET A 55 17.91 -1.80 -4.64
N THR A 56 16.85 -2.46 -4.12
CA THR A 56 16.93 -3.30 -2.91
C THR A 56 18.04 -4.35 -3.05
N GLU A 57 18.14 -5.04 -4.20
CA GLU A 57 19.15 -6.08 -4.43
C GLU A 57 20.58 -5.54 -4.39
N LYS A 58 20.86 -4.45 -5.13
CA LYS A 58 22.17 -3.81 -5.19
C LYS A 58 22.62 -3.17 -3.84
N PHE A 59 21.66 -2.80 -2.96
CA PHE A 59 21.91 -2.28 -1.61
C PHE A 59 22.29 -3.39 -0.65
N SER A 60 21.99 -4.64 -1.01
CA SER A 60 22.43 -5.82 -0.25
C SER A 60 23.93 -6.15 -0.45
N SER A 61 24.54 -5.66 -1.55
CA SER A 61 25.95 -5.91 -1.88
C SER A 61 26.96 -5.25 -0.91
N ALA A 62 28.21 -5.75 -0.93
CA ALA A 62 29.30 -5.35 -0.05
C ALA A 62 29.77 -3.91 -0.28
N MET A 63 29.47 -3.34 -1.49
CA MET A 63 29.60 -1.92 -1.89
C MET A 63 29.15 -0.97 -0.76
N TYR A 64 27.92 -1.22 -0.26
CA TYR A 64 27.27 -0.36 0.71
C TYR A 64 27.78 -0.61 2.12
N MET A 65 28.74 -1.57 2.25
CA MET A 65 29.44 -1.92 3.46
C MET A 65 28.37 -2.49 4.42
N ASP A 66 28.14 -1.94 5.58
CA ASP A 66 26.98 -2.57 6.24
C ASP A 66 25.85 -1.59 6.42
N ARG A 67 25.83 -0.54 5.56
CA ARG A 67 24.85 0.55 5.66
C ARG A 67 23.83 0.55 4.51
N GLY A 68 23.65 -0.60 3.87
CA GLY A 68 22.73 -0.78 2.75
C GLY A 68 21.31 -0.39 3.06
N ALA A 69 20.73 -0.94 4.15
CA ALA A 69 19.38 -0.57 4.61
C ALA A 69 19.20 0.96 4.87
N GLU A 70 20.18 1.57 5.53
CA GLU A 70 20.24 3.01 5.87
C GLU A 70 20.32 3.89 4.64
N GLN A 71 21.23 3.55 3.71
CA GLN A 71 21.41 4.23 2.43
C GLN A 71 20.16 4.09 1.55
N LEU A 72 19.59 2.87 1.47
CA LEU A 72 18.34 2.58 0.77
C LEU A 72 17.16 3.39 1.34
N VAL A 73 16.90 3.36 2.64
CA VAL A 73 15.76 4.10 3.15
C VAL A 73 15.96 5.63 2.90
N GLU A 74 17.21 6.10 3.02
CA GLU A 74 17.53 7.51 2.79
C GLU A 74 17.20 7.94 1.34
N ILE A 75 17.65 7.16 0.33
CA ILE A 75 17.44 7.55 -1.07
C ILE A 75 15.97 7.37 -1.48
N LEU A 76 15.31 6.31 -1.03
CA LEU A 76 13.85 6.08 -1.15
C LEU A 76 13.01 7.24 -0.65
N ASN A 77 13.17 7.56 0.63
CA ASN A 77 12.45 8.64 1.26
C ASN A 77 12.78 9.94 0.63
N TYR A 78 14.01 10.11 0.14
CA TYR A 78 14.37 11.37 -0.54
C TYR A 78 13.40 11.59 -1.71
N HIS A 79 13.21 10.56 -2.55
CA HIS A 79 12.32 10.63 -3.71
C HIS A 79 10.83 10.56 -3.36
N ILE A 80 10.42 9.64 -2.49
CA ILE A 80 9.03 9.45 -2.09
C ILE A 80 8.50 10.69 -1.31
N SER A 81 9.29 11.24 -0.37
CA SER A 81 8.97 12.56 0.25
C SER A 81 8.54 13.63 -0.77
N ALA A 82 9.22 13.74 -1.90
CA ALA A 82 8.88 14.80 -2.85
C ALA A 82 7.50 14.53 -3.53
N ILE A 83 7.19 13.25 -3.82
CA ILE A 83 5.89 12.82 -4.36
C ILE A 83 4.79 13.07 -3.35
N VAL A 84 5.04 12.70 -2.08
CA VAL A 84 4.08 12.88 -0.97
C VAL A 84 3.72 14.36 -0.82
N GLU A 85 4.73 15.22 -0.80
CA GLU A 85 4.58 16.67 -0.69
C GLU A 85 3.72 17.21 -1.83
N LYS A 86 4.01 16.78 -3.08
CA LYS A 86 3.17 17.12 -4.24
C LYS A 86 1.71 16.75 -4.04
N VAL A 87 1.43 15.50 -3.68
CA VAL A 87 0.05 15.03 -3.46
C VAL A 87 -0.65 15.87 -2.36
N LEU A 88 0.07 16.10 -1.25
CA LEU A 88 -0.50 16.79 -0.09
C LEU A 88 -0.86 18.27 -0.37
N ILE A 89 0.02 19.01 -1.04
CA ILE A 89 -0.14 20.41 -1.47
C ILE A 89 -1.32 20.59 -2.48
N PHE A 90 -1.53 19.60 -3.35
CA PHE A 90 -2.64 19.52 -4.29
C PHE A 90 -3.91 18.95 -3.62
N GLY A 91 -3.82 18.68 -2.32
CA GLY A 91 -5.01 18.37 -1.52
C GLY A 91 -5.42 16.92 -1.43
N GLY A 92 -4.52 16.01 -1.85
CA GLY A 92 -4.76 14.58 -1.73
C GLY A 92 -4.48 14.03 -0.34
N ASP A 93 -5.10 12.91 -0.03
CA ASP A 93 -4.85 12.12 1.16
C ASP A 93 -4.10 10.86 0.71
N ILE A 94 -2.84 10.67 1.16
CA ILE A 94 -2.11 9.42 0.88
C ILE A 94 -2.74 8.32 1.72
N LEU A 95 -3.39 7.35 1.08
CA LEU A 95 -4.06 6.25 1.78
C LEU A 95 -3.09 5.22 2.29
N LYS A 96 -2.08 4.87 1.46
CA LYS A 96 -1.30 3.67 1.67
C LYS A 96 0.00 3.65 0.88
N PHE A 97 1.08 3.21 1.52
CA PHE A 97 2.34 2.86 0.87
C PHE A 97 2.41 1.34 0.93
N ALA A 98 2.83 0.72 -0.13
CA ALA A 98 3.16 -0.69 -0.17
C ALA A 98 4.19 -0.78 -1.24
N GLY A 99 5.40 -1.23 -0.87
CA GLY A 99 6.53 -1.43 -1.77
C GLY A 99 6.09 -1.62 -3.21
N ASP A 100 6.66 -0.81 -4.10
CA ASP A 100 6.34 -0.60 -5.53
C ASP A 100 5.42 0.62 -5.76
N ALA A 101 4.62 1.09 -4.74
CA ALA A 101 3.60 2.11 -4.98
C ALA A 101 3.07 2.89 -3.73
N LEU A 102 2.33 3.98 -4.02
CA LEU A 102 1.43 4.61 -3.07
C LEU A 102 0.09 4.87 -3.71
N LEU A 103 -0.96 4.87 -2.88
CA LEU A 103 -2.30 5.15 -3.33
C LEU A 103 -2.77 6.44 -2.67
N ALA A 104 -3.26 7.41 -3.45
CA ALA A 104 -3.81 8.65 -2.93
C ALA A 104 -5.29 8.85 -3.30
N LEU A 105 -6.00 9.57 -2.45
CA LEU A 105 -7.43 9.84 -2.57
C LEU A 105 -7.74 11.33 -2.53
N TRP A 106 -8.56 11.80 -3.49
CA TRP A 106 -9.28 13.08 -3.35
C TRP A 106 -10.75 12.70 -3.21
N ARG A 107 -11.25 12.72 -1.98
CA ARG A 107 -12.62 12.31 -1.65
C ARG A 107 -13.49 13.53 -1.85
N VAL A 108 -14.47 13.42 -2.76
CA VAL A 108 -15.28 14.58 -3.12
C VAL A 108 -16.71 14.15 -3.54
N GLU A 109 -17.69 15.04 -3.33
CA GLU A 109 -19.05 14.87 -3.80
C GLU A 109 -19.04 14.86 -5.31
N ARG A 110 -19.91 14.02 -5.91
CA ARG A 110 -20.04 13.74 -7.35
C ARG A 110 -20.00 14.94 -8.29
N LYS A 111 -20.63 16.10 -7.88
CA LYS A 111 -20.70 17.34 -8.67
C LYS A 111 -19.30 17.90 -8.89
N GLN A 112 -18.43 17.69 -7.93
CA GLN A 112 -17.09 18.25 -8.01
C GLN A 112 -16.05 17.29 -8.61
N LEU A 113 -16.46 16.08 -9.05
CA LEU A 113 -15.52 15.09 -9.61
C LEU A 113 -14.72 15.60 -10.79
N LYS A 114 -15.42 16.24 -11.73
CA LYS A 114 -14.90 16.82 -12.96
C LYS A 114 -13.73 17.80 -12.74
N ASN A 115 -13.90 18.76 -11.84
CA ASN A 115 -12.87 19.78 -11.55
C ASN A 115 -11.71 19.20 -10.77
N ILE A 116 -12.00 18.25 -9.89
CA ILE A 116 -10.98 17.58 -9.08
C ILE A 116 -10.10 16.66 -9.94
N ILE A 117 -10.66 16.05 -10.99
CA ILE A 117 -9.87 15.27 -11.96
C ILE A 117 -8.79 16.16 -12.60
N THR A 118 -9.14 17.41 -12.96
CA THR A 118 -8.21 18.40 -13.51
C THR A 118 -7.09 18.65 -12.50
N VAL A 119 -7.45 18.87 -11.22
CA VAL A 119 -6.48 19.05 -10.13
C VAL A 119 -5.54 17.85 -10.07
N VAL A 120 -6.11 16.62 -10.11
CA VAL A 120 -5.34 15.37 -9.97
C VAL A 120 -4.40 15.15 -11.18
N ILE A 121 -4.87 15.42 -12.42
CA ILE A 121 -4.06 15.37 -13.64
C ILE A 121 -2.85 16.34 -13.49
N LYS A 122 -3.11 17.59 -13.11
CA LYS A 122 -2.06 18.60 -12.93
C LYS A 122 -0.98 18.16 -11.87
N CYS A 123 -1.46 17.61 -10.73
CA CYS A 123 -0.61 17.03 -9.73
C CYS A 123 0.28 15.92 -10.32
N SER A 124 -0.33 14.97 -11.09
CA SER A 124 0.32 13.87 -11.81
C SER A 124 1.43 14.36 -12.75
N LEU A 125 1.19 15.43 -13.53
CA LEU A 125 2.19 16.00 -14.44
C LEU A 125 3.33 16.70 -13.70
N GLU A 126 3.05 17.34 -12.57
CA GLU A 126 4.09 17.88 -11.69
C GLU A 126 4.90 16.81 -10.97
N ILE A 127 4.34 15.62 -10.77
CA ILE A 127 5.08 14.47 -10.23
C ILE A 127 6.09 13.97 -11.25
N HIS A 128 5.66 13.79 -12.51
CA HIS A 128 6.56 13.40 -13.60
C HIS A 128 7.70 14.40 -13.81
N GLY A 129 7.39 15.69 -13.76
CA GLY A 129 8.37 16.78 -13.84
C GLY A 129 9.43 16.80 -12.75
N LEU A 130 9.16 16.15 -11.59
CA LEU A 130 10.13 15.96 -10.51
C LEU A 130 11.27 15.07 -10.97
N PHE A 131 10.96 14.11 -11.86
CA PHE A 131 11.87 13.05 -12.25
C PHE A 131 12.44 13.20 -13.66
N GLU A 132 12.14 14.32 -14.36
CA GLU A 132 12.55 14.57 -15.75
C GLU A 132 14.05 14.34 -16.01
N THR A 133 14.92 14.94 -15.18
CA THR A 133 16.37 14.73 -15.24
C THR A 133 16.89 14.24 -13.88
N GLN A 134 16.33 13.09 -13.43
CA GLN A 134 16.66 12.43 -12.16
C GLN A 134 17.12 11.00 -12.49
N GLU A 135 17.96 10.38 -11.62
CA GLU A 135 18.82 9.23 -11.96
C GLU A 135 19.65 8.85 -10.72
N TRP A 136 20.25 7.62 -10.68
CA TRP A 136 21.45 7.36 -9.85
C TRP A 136 22.53 6.57 -10.64
N GLU A 137 23.21 7.35 -11.50
CA GLU A 137 24.37 7.12 -12.38
C GLU A 137 24.52 5.70 -12.97
N GLU A 138 24.87 4.68 -12.16
CA GLU A 138 25.11 3.34 -12.71
C GLU A 138 23.81 2.51 -12.76
N GLY A 139 23.41 2.15 -13.98
CA GLY A 139 22.23 1.34 -14.23
C GLY A 139 21.15 2.01 -15.04
N LEU A 140 20.49 3.03 -14.45
CA LEU A 140 19.24 3.59 -15.00
C LEU A 140 19.01 5.09 -14.64
N ASP A 141 17.73 5.53 -14.65
CA ASP A 141 17.32 6.90 -14.32
C ASP A 141 16.14 7.00 -13.32
N ILE A 142 15.44 5.87 -13.01
CA ILE A 142 14.29 5.75 -12.08
C ILE A 142 13.20 6.87 -12.27
N ARG A 143 12.09 6.51 -12.92
CA ARG A 143 10.94 7.38 -13.17
C ARG A 143 9.67 6.75 -12.55
N VAL A 144 8.51 7.40 -12.69
CA VAL A 144 7.27 6.87 -12.15
C VAL A 144 6.25 6.58 -13.27
N LYS A 145 5.25 5.75 -12.95
CA LYS A 145 4.04 5.46 -13.75
C LYS A 145 2.80 5.81 -12.91
N ILE A 146 1.80 6.46 -13.53
CA ILE A 146 0.61 6.96 -12.84
C ILE A 146 -0.68 6.47 -13.54
N GLY A 147 -1.52 5.78 -12.79
CA GLY A 147 -2.88 5.49 -13.18
C GLY A 147 -3.83 6.33 -12.34
N LEU A 148 -4.91 6.84 -12.98
CA LEU A 148 -5.99 7.61 -12.35
C LEU A 148 -7.34 6.94 -12.59
N ALA A 149 -8.21 7.01 -11.57
CA ALA A 149 -9.57 6.51 -11.68
C ALA A 149 -10.49 7.46 -10.90
N ALA A 150 -11.80 7.37 -11.18
CA ALA A 150 -12.81 8.21 -10.53
C ALA A 150 -14.11 7.41 -10.44
N GLY A 151 -14.81 7.59 -9.33
CA GLY A 151 -16.13 7.01 -9.16
C GLY A 151 -16.44 6.56 -7.76
N HIS A 152 -17.30 5.57 -7.66
CA HIS A 152 -17.76 5.03 -6.39
C HIS A 152 -16.62 4.28 -5.72
N ILE A 153 -16.38 4.61 -4.44
CA ILE A 153 -15.36 3.99 -3.62
C ILE A 153 -16.03 3.57 -2.33
N SER A 154 -15.74 2.35 -1.88
CA SER A 154 -16.14 1.82 -0.58
C SER A 154 -14.88 1.71 0.27
N MET A 155 -15.03 1.96 1.55
CA MET A 155 -13.99 1.75 2.54
C MET A 155 -14.38 0.55 3.42
N LEU A 156 -13.44 -0.34 3.72
CA LEU A 156 -13.67 -1.36 4.73
C LEU A 156 -12.73 -1.20 5.90
N VAL A 157 -13.29 -1.19 7.12
CA VAL A 157 -12.52 -1.30 8.34
C VAL A 157 -12.85 -2.62 9.03
N PHE A 158 -11.81 -3.39 9.30
CA PHE A 158 -11.95 -4.66 10.00
C PHE A 158 -10.88 -4.75 11.10
N GLY A 159 -11.08 -5.65 12.04
CA GLY A 159 -10.17 -5.92 13.14
C GLY A 159 -10.85 -6.40 14.40
N ASP A 160 -10.11 -6.40 15.51
CA ASP A 160 -10.62 -6.84 16.80
C ASP A 160 -10.49 -5.73 17.81
N GLU A 161 -10.35 -6.09 19.10
CA GLU A 161 -10.31 -5.11 20.18
C GLU A 161 -9.02 -4.37 20.27
N THR A 162 -7.93 -4.88 19.64
CA THR A 162 -6.61 -4.28 19.79
C THR A 162 -5.97 -3.90 18.44
N HIS A 163 -6.50 -4.40 17.33
CA HIS A 163 -5.94 -4.17 15.98
C HIS A 163 -7.00 -3.73 14.98
N SER A 164 -6.63 -2.81 14.11
CA SER A 164 -7.49 -2.36 13.02
C SER A 164 -6.75 -2.31 11.73
N HIS A 165 -7.44 -2.67 10.63
CA HIS A 165 -6.92 -2.51 9.27
C HIS A 165 -8.02 -1.89 8.42
N PHE A 166 -7.66 -1.18 7.35
CA PHE A 166 -8.64 -0.63 6.41
C PHE A 166 -8.17 -0.91 4.95
N LEU A 167 -9.10 -0.85 4.02
CA LEU A 167 -8.96 -1.22 2.61
C LEU A 167 -9.88 -0.29 1.86
N VAL A 168 -9.46 0.28 0.73
CA VAL A 168 -10.48 0.75 -0.23
C VAL A 168 -10.77 -0.33 -1.28
N ILE A 169 -12.04 -0.37 -1.74
CA ILE A 169 -12.68 -1.43 -2.52
C ILE A 169 -13.57 -0.79 -3.58
N GLY A 170 -13.85 -1.52 -4.67
CA GLY A 170 -14.83 -1.11 -5.66
C GLY A 170 -14.26 -0.91 -7.05
N GLN A 171 -15.12 -0.55 -8.02
CA GLN A 171 -14.70 -0.43 -9.44
C GLN A 171 -13.60 0.60 -9.67
N ALA A 172 -13.67 1.81 -9.06
CA ALA A 172 -12.61 2.82 -9.16
C ALA A 172 -11.25 2.29 -8.59
N VAL A 173 -11.30 1.46 -7.52
CA VAL A 173 -10.09 0.80 -7.01
C VAL A 173 -9.53 -0.18 -8.03
N ASP A 174 -10.38 -1.05 -8.60
CA ASP A 174 -9.98 -1.99 -9.66
C ASP A 174 -9.46 -1.26 -10.91
N ASP A 175 -10.11 -0.15 -11.27
CA ASP A 175 -9.77 0.66 -12.42
C ASP A 175 -8.41 1.32 -12.32
N VAL A 176 -8.05 1.86 -11.13
CA VAL A 176 -6.80 2.59 -10.93
C VAL A 176 -5.62 1.64 -11.06
N ARG A 177 -5.84 0.37 -10.69
CA ARG A 177 -4.85 -0.69 -10.77
C ARG A 177 -4.64 -1.08 -12.24
N LEU A 178 -5.73 -1.26 -12.99
CA LEU A 178 -5.69 -1.58 -14.42
C LEU A 178 -5.04 -0.45 -15.25
N ALA A 179 -5.40 0.82 -14.97
CA ALA A 179 -4.82 2.04 -15.56
C ALA A 179 -3.29 2.08 -15.34
N GLN A 180 -2.86 1.77 -14.11
CA GLN A 180 -1.45 1.69 -13.74
C GLN A 180 -0.66 0.62 -14.55
N ASN A 181 -1.27 -0.55 -14.81
CA ASN A 181 -0.64 -1.65 -15.57
C ASN A 181 -0.46 -1.33 -17.08
N MET A 182 -1.30 -0.43 -17.63
CA MET A 182 -1.23 0.07 -19.00
C MET A 182 -0.17 1.13 -19.16
N ALA A 183 0.21 1.80 -18.07
CA ALA A 183 1.17 2.90 -18.08
C ALA A 183 2.59 2.45 -18.36
N GLN A 184 3.30 3.26 -19.18
CA GLN A 184 4.75 3.21 -19.33
C GLN A 184 5.39 4.28 -18.44
N MET A 185 6.70 4.16 -18.22
CA MET A 185 7.56 5.18 -17.65
C MET A 185 7.15 6.55 -18.22
N ASN A 186 6.80 7.49 -17.33
CA ASN A 186 6.40 8.87 -17.65
C ASN A 186 4.90 9.04 -18.04
N ASP A 187 4.08 7.97 -18.03
CA ASP A 187 2.67 8.11 -18.44
C ASP A 187 1.71 8.51 -17.32
N VAL A 188 0.60 9.16 -17.72
CA VAL A 188 -0.60 9.37 -16.90
C VAL A 188 -1.76 8.70 -17.66
N ILE A 189 -2.30 7.59 -17.13
CA ILE A 189 -3.43 6.86 -17.72
C ILE A 189 -4.70 7.14 -16.95
N LEU A 190 -5.77 7.52 -17.65
CA LEU A 190 -7.11 7.63 -17.06
C LEU A 190 -7.91 6.36 -17.29
N SER A 191 -8.57 5.86 -16.23
CA SER A 191 -9.55 4.79 -16.36
C SER A 191 -10.68 5.22 -17.34
N PRO A 192 -11.38 4.30 -18.05
CA PRO A 192 -12.53 4.72 -18.87
C PRO A 192 -13.49 5.68 -18.15
N ASN A 193 -13.87 5.40 -16.87
CA ASN A 193 -14.87 6.23 -16.15
C ASN A 193 -14.34 7.61 -15.80
N CYS A 194 -13.06 7.70 -15.40
CA CYS A 194 -12.35 8.97 -15.15
C CYS A 194 -12.40 9.86 -16.41
N TRP A 195 -12.06 9.27 -17.57
CA TRP A 195 -12.19 9.90 -18.90
C TRP A 195 -13.63 10.36 -19.21
N GLN A 196 -14.62 9.51 -18.95
CA GLN A 196 -16.06 9.85 -19.08
C GLN A 196 -16.48 11.03 -18.16
N LEU A 197 -15.89 11.14 -16.95
CA LEU A 197 -16.26 12.18 -15.99
C LEU A 197 -15.43 13.46 -16.13
N CYS A 198 -14.31 13.42 -16.87
CA CYS A 198 -13.32 14.49 -16.81
C CYS A 198 -13.76 15.73 -17.62
N ASP A 199 -13.03 16.85 -17.48
CA ASP A 199 -13.22 18.04 -18.30
C ASP A 199 -12.39 17.83 -19.56
N ARG A 200 -13.03 17.26 -20.58
CA ARG A 200 -12.46 16.94 -21.89
C ARG A 200 -11.95 18.17 -22.69
N SER A 201 -12.29 19.40 -22.27
CA SER A 201 -11.81 20.63 -22.95
C SER A 201 -10.53 21.18 -22.32
N MET A 202 -10.10 20.56 -21.23
CA MET A 202 -8.85 20.84 -20.53
C MET A 202 -7.74 19.92 -21.02
N ILE A 203 -8.06 18.65 -21.31
CA ILE A 203 -7.05 17.61 -21.43
C ILE A 203 -6.99 17.02 -22.83
N GLU A 204 -5.77 16.91 -23.37
CA GLU A 204 -5.48 16.25 -24.66
C GLU A 204 -5.05 14.79 -24.37
N ILE A 205 -5.79 13.80 -24.89
CA ILE A 205 -5.49 12.38 -24.70
C ILE A 205 -5.11 11.68 -26.01
N GLU A 206 -4.46 10.51 -25.92
CA GLU A 206 -4.44 9.56 -27.04
C GLU A 206 -5.04 8.20 -26.63
N SER A 207 -5.51 7.46 -27.63
CA SER A 207 -6.10 6.13 -27.50
C SER A 207 -5.07 5.12 -26.95
N VAL A 208 -5.51 4.23 -26.06
CA VAL A 208 -4.66 3.14 -25.57
C VAL A 208 -5.01 1.89 -26.41
N PRO A 209 -4.03 1.25 -27.09
CA PRO A 209 -4.36 0.16 -28.04
C PRO A 209 -5.19 -0.98 -27.42
N ASP A 210 -6.34 -1.28 -28.05
CA ASP A 210 -7.33 -2.29 -27.65
C ASP A 210 -7.96 -2.01 -26.25
N GLN A 211 -7.87 -0.73 -25.79
CA GLN A 211 -8.31 -0.32 -24.45
C GLN A 211 -9.25 0.88 -24.47
N ARG A 212 -10.26 0.86 -23.58
CA ARG A 212 -11.22 1.95 -23.41
C ARG A 212 -10.62 3.08 -22.56
N ALA A 213 -9.54 2.77 -21.81
CA ALA A 213 -8.77 3.73 -21.01
C ALA A 213 -7.97 4.67 -21.93
N VAL A 214 -7.56 5.86 -21.42
CA VAL A 214 -6.85 6.87 -22.22
C VAL A 214 -5.52 7.31 -21.57
N LYS A 215 -4.59 7.84 -22.39
CA LYS A 215 -3.33 8.41 -21.94
C LYS A 215 -3.38 9.93 -22.07
N VAL A 216 -3.08 10.66 -21.00
CA VAL A 216 -2.97 12.13 -21.07
C VAL A 216 -1.68 12.49 -21.80
N ASN A 217 -1.80 13.28 -22.88
CA ASN A 217 -0.65 13.85 -23.55
C ASN A 217 -0.33 15.22 -23.00
N PHE A 218 -1.36 16.08 -22.87
CA PHE A 218 -1.19 17.47 -22.42
C PHE A 218 -2.40 17.96 -21.65
N LEU A 219 -2.15 18.93 -20.76
CA LEU A 219 -3.14 19.82 -20.17
C LEU A 219 -3.02 21.11 -20.98
N LYS A 220 -4.08 21.43 -21.75
CA LYS A 220 -4.17 22.66 -22.52
C LYS A 220 -5.31 23.54 -21.95
N PRO A 221 -5.03 24.36 -20.91
CA PRO A 221 -6.10 25.17 -20.30
C PRO A 221 -6.63 26.26 -21.22
N PRO A 222 -7.95 26.60 -21.15
CA PRO A 222 -8.50 27.69 -21.98
C PRO A 222 -7.85 29.06 -21.74
N PRO A 223 -8.09 30.06 -22.64
CA PRO A 223 -7.50 31.39 -22.48
C PRO A 223 -7.49 32.04 -21.11
N ASN A 224 -8.64 32.09 -20.42
CA ASN A 224 -8.75 32.93 -19.23
C ASN A 224 -8.56 32.12 -17.93
N PHE A 225 -8.18 30.84 -18.07
CA PHE A 225 -8.00 29.91 -16.96
C PHE A 225 -6.72 30.22 -16.19
N ASN A 226 -6.86 30.42 -14.87
CA ASN A 226 -5.73 30.54 -13.94
C ASN A 226 -5.76 29.31 -13.02
N PHE A 227 -4.78 28.39 -13.14
CA PHE A 227 -4.75 27.22 -12.27
C PHE A 227 -4.84 27.57 -10.79
N ASP A 228 -4.10 28.60 -10.30
CA ASP A 228 -4.10 28.96 -8.86
C ASP A 228 -5.49 29.37 -8.35
N GLU A 229 -6.25 30.13 -9.15
CA GLU A 229 -7.62 30.54 -8.85
C GLU A 229 -8.54 29.36 -8.89
N PHE A 230 -8.37 28.51 -9.93
CA PHE A 230 -9.10 27.27 -10.09
C PHE A 230 -8.91 26.33 -8.89
N PHE A 231 -7.67 26.14 -8.43
CA PHE A 231 -7.34 25.32 -7.28
C PHE A 231 -7.99 25.87 -6.00
N THR A 232 -7.94 27.19 -5.81
CA THR A 232 -8.54 27.90 -4.66
C THR A 232 -10.05 27.66 -4.59
N LYS A 233 -10.74 27.72 -5.73
CA LYS A 233 -12.16 27.37 -5.82
C LYS A 233 -12.36 25.91 -5.40
N CYS A 234 -11.48 25.01 -5.88
CA CYS A 234 -11.53 23.57 -5.56
C CYS A 234 -11.31 23.29 -4.06
N THR A 235 -10.45 24.05 -3.35
CA THR A 235 -10.24 23.90 -1.89
C THR A 235 -11.54 24.11 -1.05
N THR A 236 -12.55 24.81 -1.59
CA THR A 236 -13.89 24.97 -0.98
C THR A 236 -14.44 23.61 -0.59
N PHE A 237 -14.22 22.58 -1.44
CA PHE A 237 -14.70 21.21 -1.26
C PHE A 237 -13.70 20.26 -0.60
N MET A 238 -12.55 20.77 -0.12
CA MET A 238 -11.54 19.95 0.56
C MET A 238 -11.56 20.22 2.06
N HIS A 239 -12.20 19.34 2.82
CA HIS A 239 -12.51 19.48 4.24
C HIS A 239 -11.29 19.84 5.08
N TYR A 240 -10.12 19.22 4.77
CA TYR A 240 -8.98 19.26 5.67
C TYR A 240 -7.79 19.97 5.04
N TYR A 241 -8.02 20.71 3.94
CA TYR A 241 -6.91 21.46 3.34
C TYR A 241 -6.30 22.45 4.36
N PRO A 242 -4.99 22.40 4.70
CA PRO A 242 -4.45 23.35 5.71
C PRO A 242 -4.61 24.79 5.24
N SER A 243 -5.10 25.71 6.11
CA SER A 243 -5.49 27.07 5.68
C SER A 243 -5.38 28.07 6.83
N GLY A 244 -5.42 29.36 6.50
CA GLY A 244 -5.36 30.45 7.47
C GLY A 244 -4.08 30.43 8.28
N GLU A 245 -4.23 30.35 9.59
CA GLU A 245 -3.08 30.23 10.47
C GLU A 245 -2.29 28.90 10.28
N HIS A 246 -2.90 27.84 9.69
CA HIS A 246 -2.19 26.57 9.43
C HIS A 246 -1.89 26.33 7.96
N LYS A 247 -1.92 27.40 7.15
CA LYS A 247 -1.60 27.36 5.72
C LYS A 247 -0.14 26.93 5.43
N ASN A 248 0.76 27.07 6.41
CA ASN A 248 2.16 26.66 6.26
C ASN A 248 2.35 25.13 6.42
N LEU A 249 1.31 24.40 6.90
CA LEU A 249 1.42 22.97 7.21
C LEU A 249 1.07 22.09 6.02
N LEU A 250 1.70 20.89 5.94
CA LEU A 250 1.38 19.93 4.88
C LEU A 250 0.11 19.14 5.23
N ARG A 251 -0.12 18.89 6.54
CA ARG A 251 -1.27 18.14 7.02
C ARG A 251 -1.87 18.84 8.23
N LEU A 252 -3.22 18.98 8.24
CA LEU A 252 -4.00 19.40 9.43
C LEU A 252 -3.71 18.46 10.58
N ALA A 253 -3.52 17.17 10.30
CA ALA A 253 -3.19 16.16 11.32
C ALA A 253 -1.95 16.54 12.19
N THR A 255 -1.68 19.18 13.70
CA THR A 255 -2.26 20.05 14.74
C THR A 255 -3.12 19.27 15.72
N LEU A 256 -3.23 17.92 15.56
CA LEU A 256 -3.97 17.09 16.53
C LEU A 256 -3.48 17.33 17.92
N LYS A 257 -4.40 17.38 18.86
CA LYS A 257 -4.10 17.57 20.27
C LYS A 257 -4.33 16.26 21.02
N PRO A 258 -3.58 16.00 22.13
CA PRO A 258 -3.84 14.78 22.92
C PRO A 258 -5.34 14.61 23.18
N ASP A 259 -5.82 13.38 23.00
CA ASP A 259 -7.22 12.99 23.05
C ASP A 259 -7.15 11.47 23.29
N PRO A 260 -7.20 10.99 24.56
CA PRO A 260 -7.02 9.55 24.84
C PRO A 260 -7.89 8.57 24.05
N GLU A 261 -9.15 8.92 23.83
CA GLU A 261 -10.13 8.10 23.13
C GLU A 261 -9.78 8.01 21.62
N LEU A 262 -9.41 9.15 20.97
CA LEU A 262 -8.92 9.13 19.59
C LEU A 262 -7.61 8.31 19.47
N GLU A 263 -6.65 8.54 20.39
CA GLU A 263 -5.38 7.88 20.29
C GLU A 263 -5.55 6.38 20.47
N MET A 264 -6.41 5.96 21.41
CA MET A 264 -6.72 4.53 21.59
C MET A 264 -7.19 3.88 20.30
N SER A 265 -8.07 4.55 19.60
CA SER A 265 -8.61 4.09 18.33
C SER A 265 -7.54 4.11 17.19
N LEU A 266 -6.68 5.17 17.11
CA LEU A 266 -5.67 5.30 16.03
C LEU A 266 -4.49 4.35 16.20
N GLN A 267 -4.04 4.12 17.45
CA GLN A 267 -2.90 3.23 17.71
C GLN A 267 -3.11 1.75 17.26
N LYS A 268 -4.37 1.31 17.15
CA LYS A 268 -4.75 -0.04 16.72
C LYS A 268 -4.33 -0.33 15.26
N TYR A 269 -4.14 0.70 14.42
CA TYR A 269 -3.68 0.62 13.02
C TYR A 269 -2.18 0.45 12.91
N VAL A 270 -1.49 0.64 14.01
CA VAL A 270 -0.05 0.77 14.00
C VAL A 270 0.60 -0.37 14.82
N MET A 271 1.60 -1.01 14.24
CA MET A 271 2.43 -2.08 14.81
C MET A 271 3.05 -1.62 16.15
N GLU A 272 3.08 -2.52 17.14
CA GLU A 272 3.58 -2.24 18.49
C GLU A 272 5.04 -1.71 18.49
N SER A 273 5.89 -2.22 17.57
CA SER A 273 7.30 -1.79 17.47
C SER A 273 7.40 -0.36 16.98
N ILE A 274 6.44 0.10 16.11
CA ILE A 274 6.39 1.51 15.66
C ILE A 274 6.00 2.41 16.84
N LEU A 275 4.95 2.01 17.57
CA LEU A 275 4.47 2.67 18.78
C LEU A 275 5.58 2.82 19.81
N LYS A 276 6.42 1.79 19.98
CA LYS A 276 7.53 1.84 20.93
C LYS A 276 8.54 2.96 20.57
N GLN A 277 8.83 3.13 19.26
CA GLN A 277 9.74 4.15 18.74
C GLN A 277 9.09 5.53 18.91
N ILE A 278 7.80 5.65 18.56
CA ILE A 278 7.00 6.84 18.78
C ILE A 278 7.04 7.23 20.27
N ASP A 279 7.00 6.22 21.20
CA ASP A 279 7.08 6.48 22.64
C ASP A 279 8.51 6.73 23.18
N ASN A 280 9.52 6.84 22.28
CA ASN A 280 10.94 7.07 22.68
C ASN A 280 11.46 5.99 23.59
N LYS A 281 10.95 4.77 23.38
CA LYS A 281 11.40 3.58 24.12
C LYS A 281 12.22 2.66 23.23
N GLN A 282 12.46 3.08 21.99
CA GLN A 282 13.24 2.35 20.99
C GLN A 282 13.89 3.41 20.14
N LEU A 283 15.16 3.20 19.76
CA LEU A 283 15.93 4.06 18.87
C LEU A 283 15.24 4.14 17.52
N GLN A 284 15.09 5.36 16.99
CA GLN A 284 14.38 5.69 15.74
C GLN A 284 15.00 5.12 14.49
N GLY A 285 16.15 4.45 14.61
CA GLY A 285 16.80 3.76 13.50
C GLY A 285 16.76 2.25 13.56
N TYR A 286 16.26 1.69 14.66
CA TYR A 286 16.10 0.26 14.91
C TYR A 286 15.22 -0.48 13.85
N LEU A 287 14.23 0.20 13.25
CA LEU A 287 13.35 -0.54 12.33
C LEU A 287 13.83 -0.53 10.86
N SER A 288 14.87 0.23 10.51
CA SER A 288 15.42 0.20 9.15
C SER A 288 16.44 -0.90 9.02
N GLU A 289 16.09 -1.98 8.29
CA GLU A 289 16.92 -3.19 8.29
C GLU A 289 16.83 -3.97 6.99
N LEU A 290 17.95 -4.53 6.56
CA LEU A 290 17.98 -5.62 5.56
C LEU A 290 18.06 -6.88 6.39
N ARG A 291 17.01 -7.68 6.31
CA ARG A 291 16.71 -8.68 7.33
C ARG A 291 16.11 -9.94 6.67
N PRO A 292 16.51 -11.17 7.10
CA PRO A 292 15.83 -12.37 6.56
C PRO A 292 14.44 -12.50 7.17
N VAL A 293 13.41 -12.68 6.33
CA VAL A 293 12.03 -12.84 6.82
C VAL A 293 11.36 -13.92 5.97
N THR A 294 10.15 -14.34 6.36
CA THR A 294 9.29 -15.16 5.54
C THR A 294 8.03 -14.35 5.25
N ILE A 295 7.75 -14.15 3.96
CA ILE A 295 6.52 -13.51 3.51
C ILE A 295 5.48 -14.61 3.34
N VAL A 296 4.30 -14.42 3.94
CA VAL A 296 3.12 -15.24 3.66
C VAL A 296 2.12 -14.28 3.04
N PHE A 297 1.94 -14.40 1.72
CA PHE A 297 1.02 -13.53 1.00
C PHE A 297 -0.28 -14.30 0.82
N VAL A 298 -1.37 -13.80 1.40
CA VAL A 298 -2.67 -14.49 1.40
C VAL A 298 -3.65 -13.73 0.51
N ASN A 299 -4.21 -14.39 -0.48
CA ASN A 299 -5.21 -13.79 -1.37
C ASN A 299 -6.54 -14.51 -1.30
N LEU A 300 -7.61 -13.72 -1.11
CA LEU A 300 -8.99 -14.18 -1.00
C LEU A 300 -9.79 -13.61 -2.16
N MET A 301 -10.33 -14.49 -2.99
CA MET A 301 -11.18 -14.10 -4.13
C MET A 301 -12.67 -14.22 -3.83
N PHE A 302 -13.45 -13.28 -4.37
CA PHE A 302 -14.89 -13.21 -4.22
C PHE A 302 -15.58 -13.21 -5.59
N GLU A 303 -16.86 -13.63 -5.62
CA GLU A 303 -17.71 -13.54 -6.81
C GLU A 303 -17.78 -12.10 -7.37
N ASP A 304 -17.98 -11.11 -6.48
CA ASP A 304 -17.94 -9.69 -6.81
C ASP A 304 -17.08 -8.99 -5.76
N GLN A 305 -15.90 -8.49 -6.15
CA GLN A 305 -14.95 -7.84 -5.21
C GLN A 305 -15.19 -6.34 -5.03
N ASP A 306 -16.33 -5.83 -5.50
CA ASP A 306 -16.67 -4.40 -5.45
C ASP A 306 -17.82 -4.13 -4.49
N LYS A 307 -18.46 -5.21 -4.01
CA LYS A 307 -19.62 -5.14 -3.11
C LYS A 307 -19.18 -5.41 -1.67
N ALA A 308 -18.95 -4.32 -0.92
CA ALA A 308 -18.35 -4.37 0.42
C ALA A 308 -19.22 -5.10 1.43
N GLU A 309 -20.54 -5.08 1.23
CA GLU A 309 -21.56 -5.73 2.08
C GLU A 309 -21.49 -7.23 1.99
N GLU A 310 -21.13 -7.74 0.80
CA GLU A 310 -20.87 -9.14 0.55
C GLU A 310 -19.56 -9.53 1.20
N ILE A 311 -18.47 -8.79 0.93
CA ILE A 311 -17.14 -9.31 1.18
C ILE A 311 -16.59 -8.88 2.54
N GLY A 312 -17.16 -7.82 3.11
CA GLY A 312 -16.70 -7.26 4.37
C GLY A 312 -16.79 -8.22 5.54
N PRO A 313 -17.99 -8.85 5.75
CA PRO A 313 -18.09 -9.97 6.69
C PRO A 313 -17.08 -11.10 6.45
N ALA A 314 -16.87 -11.49 5.20
CA ALA A 314 -15.93 -12.58 4.87
C ALA A 314 -14.45 -12.22 5.23
N ILE A 315 -14.02 -10.98 4.95
CA ILE A 315 -12.67 -10.49 5.27
C ILE A 315 -12.45 -10.40 6.79
N GLN A 316 -13.45 -9.90 7.55
CA GLN A 316 -13.48 -9.85 9.00
C GLN A 316 -13.31 -11.27 9.58
N ASP A 317 -14.12 -12.23 9.09
CA ASP A 317 -14.04 -13.63 9.50
C ASP A 317 -12.64 -14.20 9.26
N ALA A 318 -12.08 -14.00 8.05
CA ALA A 318 -10.71 -14.40 7.71
C ALA A 318 -9.65 -13.70 8.58
N TYR A 319 -9.73 -12.37 8.72
CA TYR A 319 -8.89 -11.59 9.63
C TYR A 319 -8.84 -12.18 11.05
N MET A 320 -10.02 -12.49 11.65
CA MET A 320 -10.10 -12.99 13.02
C MET A 320 -9.28 -14.27 13.18
N HIS A 321 -9.40 -15.17 12.22
CA HIS A 321 -8.58 -16.37 12.20
C HIS A 321 -7.11 -16.13 11.84
N ILE A 322 -6.82 -15.30 10.81
CA ILE A 322 -5.43 -14.93 10.45
C ILE A 322 -4.71 -14.36 11.68
N THR A 323 -5.34 -13.41 12.39
CA THR A 323 -4.69 -12.78 13.54
C THR A 323 -4.37 -13.81 14.67
N SER A 324 -5.30 -14.76 14.97
CA SER A 324 -5.04 -15.77 16.01
C SER A 324 -3.88 -16.70 15.65
N VAL A 325 -3.76 -17.06 14.35
CA VAL A 325 -2.72 -17.95 13.84
C VAL A 325 -1.32 -17.25 13.82
N LEU A 326 -1.26 -15.95 13.47
CA LEU A 326 -0.03 -15.18 13.37
C LEU A 326 0.57 -14.87 14.73
N LYS A 327 -0.26 -14.49 15.70
CA LYS A 327 0.11 -14.18 17.10
C LYS A 327 0.92 -15.33 17.74
N ILE A 328 0.49 -16.56 17.49
CA ILE A 328 1.15 -17.77 17.94
C ILE A 328 2.67 -17.69 17.64
N PHE A 329 3.06 -17.19 16.43
CA PHE A 329 4.48 -17.13 16.06
C PHE A 329 5.03 -15.71 15.81
N GLN A 330 4.41 -14.66 16.40
CA GLN A 330 4.81 -13.26 16.17
C GLN A 330 4.76 -12.83 14.72
N GLY A 331 3.98 -13.56 13.90
CA GLY A 331 3.60 -13.11 12.57
C GLY A 331 2.87 -11.81 12.70
N GLN A 332 2.96 -10.99 11.67
CA GLN A 332 2.40 -9.65 11.61
C GLN A 332 1.68 -9.53 10.30
N ILE A 333 0.53 -8.89 10.32
CA ILE A 333 -0.06 -8.40 9.08
C ILE A 333 0.61 -7.05 8.81
N ASN A 334 1.42 -6.95 7.74
CA ASN A 334 2.06 -5.70 7.35
C ASN A 334 1.10 -4.77 6.58
N LYS A 335 0.36 -5.29 5.57
CA LYS A 335 -0.61 -4.54 4.75
C LYS A 335 -1.74 -5.43 4.34
N VAL A 336 -2.88 -4.81 4.05
CA VAL A 336 -4.05 -5.43 3.44
C VAL A 336 -4.45 -4.49 2.31
N PHE A 337 -4.73 -5.01 1.12
CA PHE A 337 -5.16 -4.20 -0.02
C PHE A 337 -5.68 -5.09 -1.10
N MET A 338 -6.46 -4.50 -2.02
CA MET A 338 -6.93 -5.19 -3.21
C MET A 338 -5.80 -5.35 -4.22
N PHE A 339 -5.67 -6.57 -4.77
CA PHE A 339 -4.94 -6.88 -6.00
C PHE A 339 -5.96 -6.74 -7.15
N ASP A 340 -5.51 -6.78 -8.44
CA ASP A 340 -6.47 -6.92 -9.55
C ASP A 340 -6.97 -8.36 -9.55
N LYS A 341 -7.92 -8.63 -8.63
CA LYS A 341 -8.51 -9.93 -8.22
C LYS A 341 -8.12 -10.28 -6.78
N GLY A 342 -9.04 -9.97 -5.87
CA GLY A 342 -9.03 -10.43 -4.50
C GLY A 342 -8.49 -9.49 -3.45
N CYS A 343 -8.78 -9.81 -2.22
CA CYS A 343 -8.24 -9.11 -1.09
C CYS A 343 -7.00 -9.86 -0.57
N SER A 344 -5.88 -9.14 -0.44
CA SER A 344 -4.60 -9.74 -0.06
C SER A 344 -4.04 -9.24 1.28
N PHE A 345 -3.57 -10.16 2.10
CA PHE A 345 -2.90 -9.91 3.37
C PHE A 345 -1.44 -10.23 3.17
N LEU A 346 -0.58 -9.23 3.34
CA LEU A 346 0.86 -9.34 3.29
C LEU A 346 1.31 -9.61 4.72
N CYS A 347 1.61 -10.87 5.02
CA CYS A 347 1.98 -11.28 6.36
C CYS A 347 3.49 -11.50 6.42
N VAL A 348 4.11 -11.19 7.56
CA VAL A 348 5.58 -11.23 7.68
C VAL A 348 5.96 -12.00 8.92
N PHE A 349 6.82 -12.99 8.78
CA PHE A 349 7.45 -13.67 9.93
C PHE A 349 8.90 -13.18 10.05
N GLY A 350 9.31 -12.83 11.28
CA GLY A 350 10.67 -12.42 11.63
C GLY A 350 10.98 -10.95 11.43
N PHE A 351 10.02 -10.03 11.70
CA PHE A 351 10.22 -8.56 11.70
C PHE A 351 11.18 -8.18 12.87
N PRO A 352 11.81 -6.96 12.90
CA PRO A 352 12.72 -6.65 14.02
C PRO A 352 12.12 -6.96 15.38
N GLY A 353 12.91 -7.67 16.19
CA GLY A 353 12.55 -8.12 17.54
C GLY A 353 11.40 -9.10 17.63
N GLU A 354 11.06 -9.78 16.50
CA GLU A 354 9.92 -10.71 16.42
C GLU A 354 10.32 -12.05 15.82
N LYS A 355 11.61 -12.40 15.95
CA LYS A 355 12.20 -13.63 15.42
C LYS A 355 11.93 -14.84 16.29
N VAL A 356 11.27 -15.84 15.71
CA VAL A 356 11.03 -17.13 16.37
C VAL A 356 11.96 -18.19 15.77
N PRO A 357 12.46 -19.16 16.57
CA PRO A 357 13.09 -20.36 15.96
C PRO A 357 12.11 -21.18 15.10
N ASP A 358 12.64 -21.86 14.07
CA ASP A 358 11.88 -22.67 13.09
C ASP A 358 10.86 -21.83 12.31
N GLU A 359 11.26 -20.61 11.89
CA GLU A 359 10.42 -19.65 11.18
C GLU A 359 9.67 -20.28 9.98
N LEU A 360 10.35 -21.19 9.25
CA LEU A 360 9.94 -21.75 7.97
C LEU A 360 8.91 -22.88 8.11
N THR A 361 9.16 -23.83 9.03
CA THR A 361 8.17 -24.85 9.38
C THR A 361 6.85 -24.19 9.87
N HIS A 362 6.98 -23.14 10.71
CA HIS A 362 5.88 -22.38 11.29
C HIS A 362 5.13 -21.61 10.23
N ALA A 363 5.86 -20.94 9.31
CA ALA A 363 5.23 -20.16 8.23
C ALA A 363 4.39 -21.08 7.35
N LEU A 364 4.86 -22.31 7.14
CA LEU A 364 4.18 -23.29 6.31
C LEU A 364 2.94 -23.85 6.97
N GLU A 365 3.03 -24.23 8.25
CA GLU A 365 1.90 -24.70 9.06
C GLU A 365 0.87 -23.60 9.21
N CYS A 366 1.31 -22.35 9.45
CA CYS A 366 0.39 -21.19 9.48
C CYS A 366 -0.33 -20.98 8.17
N ALA A 367 0.39 -21.06 7.03
CA ALA A 367 -0.19 -20.91 5.71
C ALA A 367 -1.31 -21.93 5.52
N MET A 368 -1.04 -23.22 5.83
CA MET A 368 -2.01 -24.29 5.64
C MET A 368 -3.25 -24.09 6.50
N ASP A 369 -3.04 -23.71 7.78
CA ASP A 369 -4.11 -23.40 8.73
C ASP A 369 -5.04 -22.30 8.16
N ILE A 370 -4.45 -21.18 7.70
CA ILE A 370 -5.12 -20.04 7.08
C ILE A 370 -5.88 -20.52 5.85
N PHE A 371 -5.20 -21.25 4.95
CA PHE A 371 -5.81 -21.85 3.78
C PHE A 371 -7.04 -22.69 4.12
N ASP A 372 -6.92 -23.67 5.06
CA ASP A 372 -8.04 -24.53 5.41
C ASP A 372 -9.20 -23.79 5.99
N PHE A 373 -8.95 -22.79 6.88
CA PHE A 373 -10.05 -22.05 7.49
C PHE A 373 -10.78 -21.20 6.45
N CYS A 374 -10.02 -20.37 5.75
CA CYS A 374 -10.54 -19.41 4.78
C CYS A 374 -11.28 -20.07 3.63
N SER A 375 -10.88 -21.30 3.30
CA SER A 375 -11.60 -22.13 2.34
C SER A 375 -13.03 -22.51 2.79
N GLN A 376 -13.32 -22.46 4.10
CA GLN A 376 -14.63 -22.82 4.67
C GLN A 376 -15.48 -21.58 5.04
N VAL A 377 -14.90 -20.36 4.85
CA VAL A 377 -15.57 -19.07 5.06
C VAL A 377 -16.53 -18.78 3.90
N HIS A 378 -17.82 -18.59 4.24
CA HIS A 378 -18.93 -18.19 3.36
C HIS A 378 -18.56 -16.97 2.52
N LYS A 379 -18.67 -17.11 1.18
CA LYS A 379 -18.44 -16.09 0.16
C LYS A 379 -16.98 -16.05 -0.35
N ILE A 380 -16.04 -16.63 0.41
CA ILE A 380 -14.67 -16.81 -0.11
C ILE A 380 -14.65 -17.90 -1.18
N GLN A 381 -14.48 -17.50 -2.44
CA GLN A 381 -14.51 -18.35 -3.64
C GLN A 381 -13.22 -19.17 -3.81
N THR A 382 -12.05 -18.55 -3.55
CA THR A 382 -10.71 -19.09 -3.78
C THR A 382 -9.74 -18.45 -2.81
N VAL A 383 -8.92 -19.27 -2.12
CA VAL A 383 -7.80 -18.82 -1.28
C VAL A 383 -6.50 -19.22 -1.95
N SER A 384 -5.54 -18.29 -2.05
CA SER A 384 -4.23 -18.56 -2.61
C SER A 384 -3.19 -18.04 -1.66
N ILE A 385 -2.11 -18.83 -1.42
CA ILE A 385 -1.10 -18.41 -0.45
C ILE A 385 0.28 -18.61 -1.04
N GLY A 386 1.04 -17.52 -1.07
CA GLY A 386 2.40 -17.49 -1.59
C GLY A 386 3.37 -17.36 -0.43
N VAL A 387 4.36 -18.28 -0.35
CA VAL A 387 5.33 -18.31 0.76
C VAL A 387 6.73 -18.21 0.20
N ALA A 388 7.44 -17.14 0.58
CA ALA A 388 8.78 -16.87 0.11
C ALA A 388 9.64 -16.35 1.26
N SER A 389 10.94 -16.66 1.24
CA SER A 389 11.83 -16.38 2.35
C SER A 389 13.20 -15.89 1.87
N GLY A 390 13.68 -14.82 2.49
CA GLY A 390 14.97 -14.23 2.19
C GLY A 390 15.18 -12.87 2.81
N ILE A 391 16.19 -12.16 2.29
CA ILE A 391 16.59 -10.85 2.76
C ILE A 391 15.61 -9.84 2.16
N VAL A 392 14.91 -9.10 3.02
CA VAL A 392 14.06 -8.02 2.52
C VAL A 392 14.39 -6.71 3.27
N PHE A 393 14.03 -5.58 2.66
CA PHE A 393 14.13 -4.31 3.31
C PHE A 393 12.86 -4.09 4.11
N CYS A 394 13.03 -3.73 5.39
CA CYS A 394 12.00 -3.32 6.34
C CYS A 394 12.34 -1.90 6.76
N GLY A 395 11.35 -1.02 6.78
CA GLY A 395 11.60 0.34 7.24
C GLY A 395 10.43 1.28 7.07
N ILE A 396 10.54 2.45 7.67
CA ILE A 396 9.49 3.46 7.57
C ILE A 396 9.73 4.26 6.28
N VAL A 397 8.76 4.20 5.37
CA VAL A 397 8.87 4.78 4.03
C VAL A 397 7.89 5.95 3.89
N GLY A 398 8.38 7.06 3.36
CA GLY A 398 7.55 8.19 2.98
C GLY A 398 8.07 9.50 3.49
N HIS A 399 7.16 10.41 3.84
CA HIS A 399 7.50 11.75 4.31
C HIS A 399 7.38 11.77 5.83
N THR A 400 8.16 12.63 6.52
CA THR A 400 8.01 12.93 7.96
C THR A 400 6.54 13.03 8.39
N VAL A 401 5.70 13.80 7.66
CA VAL A 401 4.28 14.01 8.01
C VAL A 401 3.37 12.83 7.57
N ARG A 402 3.89 11.92 6.73
CA ARG A 402 3.06 10.85 6.13
C ARG A 402 3.91 9.69 5.66
N HIS A 403 3.99 8.67 6.51
CA HIS A 403 4.89 7.53 6.31
C HIS A 403 4.32 6.25 6.89
N GLU A 404 4.85 5.12 6.47
CA GLU A 404 4.33 3.83 6.85
C GLU A 404 5.43 2.86 6.84
N TYR A 405 5.34 1.89 7.75
CA TYR A 405 6.28 0.79 7.75
C TYR A 405 6.02 -0.16 6.55
N THR A 406 7.08 -0.48 5.82
CA THR A 406 6.91 -1.29 4.62
C THR A 406 8.02 -2.37 4.50
N VAL A 407 7.70 -3.44 3.76
CA VAL A 407 8.67 -4.45 3.30
C VAL A 407 8.87 -4.32 1.80
N ILE A 408 10.13 -4.34 1.35
CA ILE A 408 10.47 -4.26 -0.07
C ILE A 408 11.54 -5.33 -0.36
N GLY A 409 11.40 -6.03 -1.47
CA GLY A 409 12.42 -7.00 -1.88
C GLY A 409 11.88 -7.96 -2.89
N GLN A 410 12.79 -8.67 -3.59
CA GLN A 410 12.42 -9.66 -4.60
C GLN A 410 11.56 -10.79 -4.01
N LYS A 411 11.77 -11.15 -2.73
CA LYS A 411 10.97 -12.20 -2.09
C LYS A 411 9.54 -11.76 -1.77
N VAL A 412 9.33 -10.45 -1.53
CA VAL A 412 7.98 -9.87 -1.39
C VAL A 412 7.27 -10.06 -2.73
N ASN A 413 7.90 -9.62 -3.85
CA ASN A 413 7.28 -9.74 -5.20
C ASN A 413 7.03 -11.19 -5.58
N LEU A 414 7.97 -12.07 -5.27
CA LEU A 414 7.88 -13.51 -5.51
C LEU A 414 6.64 -14.17 -4.82
N ALA A 415 6.48 -13.98 -3.48
CA ALA A 415 5.28 -14.44 -2.76
C ALA A 415 3.98 -13.96 -3.40
N ALA A 416 3.91 -12.64 -3.80
CA ALA A 416 2.74 -12.04 -4.47
C ALA A 416 2.45 -12.69 -5.82
N ARG A 417 3.50 -12.88 -6.64
CA ARG A 417 3.34 -13.44 -7.98
C ARG A 417 2.98 -14.92 -7.91
N MET A 418 3.55 -15.67 -6.94
CA MET A 418 3.20 -17.08 -6.66
C MET A 418 1.69 -17.28 -6.40
N MET A 419 1.11 -16.46 -5.53
CA MET A 419 -0.29 -16.59 -5.17
C MET A 419 -1.24 -16.21 -6.35
N MET A 420 -0.76 -15.39 -7.32
CA MET A 420 -1.57 -15.09 -8.49
C MET A 420 -1.37 -16.09 -9.62
N TYR A 421 -0.15 -16.63 -9.75
CA TYR A 421 0.11 -17.52 -10.86
C TYR A 421 -0.25 -18.97 -10.50
N TYR A 422 -0.38 -19.26 -9.20
CA TYR A 422 -0.78 -20.60 -8.75
C TYR A 422 -1.98 -20.42 -7.82
N PRO A 423 -3.17 -20.07 -8.36
CA PRO A 423 -4.30 -19.78 -7.46
C PRO A 423 -4.83 -21.07 -6.82
N GLY A 424 -5.47 -20.95 -5.65
CA GLY A 424 -6.17 -22.07 -5.03
C GLY A 424 -5.30 -23.02 -4.26
N ILE A 425 -3.98 -22.76 -4.14
CA ILE A 425 -3.08 -23.66 -3.42
C ILE A 425 -2.15 -22.87 -2.49
N VAL A 426 -1.35 -23.57 -1.65
CA VAL A 426 -0.28 -22.97 -0.90
C VAL A 426 1.00 -23.28 -1.68
N THR A 427 1.76 -22.24 -2.00
CA THR A 427 3.03 -22.38 -2.73
C THR A 427 4.17 -21.86 -1.86
N CYS A 428 5.37 -22.40 -2.09
CA CYS A 428 6.56 -21.87 -1.44
C CYS A 428 7.77 -21.89 -2.36
N ASP A 429 8.78 -21.09 -2.03
CA ASP A 429 10.02 -21.06 -2.80
C ASP A 429 11.00 -22.16 -2.34
N SER A 430 12.20 -22.21 -2.94
CA SER A 430 13.27 -23.13 -2.63
C SER A 430 13.82 -22.95 -1.23
N VAL A 431 13.97 -21.69 -0.78
CA VAL A 431 14.52 -21.37 0.55
C VAL A 431 13.62 -21.98 1.60
N THR A 432 12.31 -21.73 1.50
CA THR A 432 11.31 -22.25 2.45
C THR A 432 11.31 -23.78 2.39
N TYR A 433 11.26 -24.35 1.19
CA TYR A 433 11.22 -25.79 1.06
C TYR A 433 12.46 -26.45 1.72
N ASN A 434 13.68 -26.07 1.25
CA ASN A 434 14.94 -26.65 1.74
C ASN A 434 15.15 -26.38 3.22
N GLY A 435 14.81 -25.19 3.67
CA GLY A 435 15.01 -24.83 5.06
C GLY A 435 13.85 -25.17 5.98
N SER A 436 12.76 -25.78 5.45
CA SER A 436 11.69 -26.34 6.29
C SER A 436 12.24 -27.59 7.01
N ASN A 437 11.80 -27.79 8.23
CA ASN A 437 12.24 -28.96 8.99
C ASN A 437 11.15 -30.06 8.81
N LEU A 438 10.77 -30.29 7.53
CA LEU A 438 9.62 -31.09 7.07
C LEU A 438 10.05 -32.05 5.94
N PRO A 439 9.48 -33.29 5.87
CA PRO A 439 9.83 -34.22 4.77
C PRO A 439 9.28 -33.89 3.38
N ALA A 440 9.95 -34.43 2.34
CA ALA A 440 9.72 -34.11 0.93
C ALA A 440 8.29 -34.35 0.43
N TYR A 441 7.65 -35.45 0.86
CA TYR A 441 6.26 -35.81 0.49
C TYR A 441 5.18 -34.83 1.04
N PHE A 442 5.59 -33.83 1.82
CA PHE A 442 4.70 -32.73 2.26
C PHE A 442 4.55 -31.72 1.13
N PHE A 443 5.29 -31.93 0.04
CA PHE A 443 5.43 -30.90 -0.99
C PHE A 443 5.17 -31.50 -2.32
N LYS A 444 4.75 -30.69 -3.29
CA LYS A 444 4.75 -31.08 -4.69
C LYS A 444 5.57 -30.05 -5.45
N GLU A 445 6.58 -30.51 -6.18
CA GLU A 445 7.40 -29.68 -7.07
C GLU A 445 6.55 -29.25 -8.29
N LEU A 446 6.43 -27.92 -8.50
CA LEU A 446 5.51 -27.33 -9.47
C LEU A 446 6.10 -27.10 -10.87
N PRO A 447 5.28 -27.09 -11.94
CA PRO A 447 5.76 -26.57 -13.25
C PRO A 447 6.22 -25.12 -13.16
N LYS A 448 7.21 -24.73 -13.95
CA LYS A 448 7.75 -23.37 -13.90
C LYS A 448 6.96 -22.44 -14.82
N LYS A 449 6.35 -21.41 -14.25
CA LYS A 449 5.62 -20.38 -15.01
C LYS A 449 6.47 -19.12 -15.10
N VAL A 450 6.48 -18.51 -16.29
CA VAL A 450 7.05 -17.18 -16.54
C VAL A 450 6.16 -16.18 -15.79
N MET A 451 6.75 -15.44 -14.84
CA MET A 451 6.02 -14.55 -13.93
C MET A 451 6.43 -13.10 -14.11
N LYS A 452 5.45 -12.22 -14.45
CA LYS A 452 5.65 -10.81 -14.82
C LYS A 452 6.12 -9.97 -13.66
N GLY A 453 7.44 -9.88 -13.53
CA GLY A 453 8.14 -9.16 -12.47
C GLY A 453 9.31 -9.93 -11.88
N VAL A 454 9.32 -11.27 -12.03
CA VAL A 454 10.32 -12.13 -11.37
C VAL A 454 11.20 -12.84 -12.41
N ALA A 455 12.53 -12.74 -12.24
CA ALA A 455 13.53 -13.47 -13.05
C ALA A 455 14.15 -14.58 -12.19
N ASP A 456 14.29 -15.77 -12.79
CA ASP A 456 14.43 -17.10 -12.18
C ASP A 456 14.09 -17.11 -10.70
N SER A 457 12.79 -17.37 -10.43
CA SER A 457 12.16 -17.64 -9.13
C SER A 457 12.89 -18.69 -8.30
N GLY A 458 13.55 -19.63 -8.98
CA GLY A 458 14.12 -20.85 -8.42
C GLY A 458 13.09 -21.96 -8.57
N PRO A 459 13.35 -23.22 -8.15
CA PRO A 459 12.26 -24.20 -8.09
C PRO A 459 11.12 -23.77 -7.15
N LEU A 460 9.89 -23.94 -7.60
CA LEU A 460 8.72 -23.67 -6.77
C LEU A 460 8.02 -24.95 -6.31
N TYR A 461 7.37 -24.88 -5.11
CA TYR A 461 6.66 -26.05 -4.55
C TYR A 461 5.28 -25.72 -4.08
N GLN A 462 4.38 -26.67 -4.19
CA GLN A 462 3.12 -26.60 -3.48
C GLN A 462 3.31 -27.24 -2.11
N TYR A 463 2.88 -26.56 -1.04
CA TYR A 463 2.81 -27.19 0.27
C TYR A 463 1.56 -28.07 0.28
N TRP A 464 1.77 -29.37 0.16
CA TRP A 464 0.67 -30.33 0.06
C TRP A 464 0.01 -30.56 1.41
N GLY A 465 0.82 -30.52 2.47
CA GLY A 465 0.38 -30.84 3.82
C GLY A 465 0.73 -32.25 4.25
N ARG A 466 0.30 -32.62 5.47
CA ARG A 466 0.73 -33.83 6.18
C ARG A 466 0.26 -35.13 5.54
N THR A 467 -0.99 -35.15 5.04
CA THR A 467 -1.62 -36.36 4.49
C THR A 467 -1.79 -36.28 2.96
N GLU A 468 -2.08 -37.42 2.30
CA GLU A 468 -2.46 -37.47 0.88
C GLU A 468 -3.77 -36.68 0.64
N LYS A 469 -4.64 -36.65 1.68
CA LYS A 469 -5.90 -35.89 1.76
C LYS A 469 -5.75 -34.81 2.82
#